data_2ADE
#
_entry.id   2ADE
#
_cell.length_a   139.040
_cell.length_b   139.040
_cell.length_c   182.240
_cell.angle_alpha   90.00
_cell.angle_beta   90.00
_cell.angle_gamma   90.00
#
_symmetry.space_group_name_H-M   'P 41 21 2'
#
loop_
_entity.id
_entity.type
_entity.pdbx_description
1 polymer 'fructan 1-exohydrolase IIa'
2 branched alpha-D-mannopyranose-(1-4)-2-acetamido-2-deoxy-beta-D-glucopyranose-(1-4)-2-acetamido-2-deoxy-beta-D-glucopyranose
3 branched 2-acetamido-2-deoxy-beta-D-glucopyranose-(1-4)-2-acetamido-2-deoxy-beta-D-glucopyranose
4 non-polymer beta-D-fructofuranose
5 water water
#
_entity_poly.entity_id   1
_entity_poly.type   'polypeptide(L)'
_entity_poly.pdbx_seq_one_letter_code
;QQIEQPYRTGYHFQPPSNWMNDPNGPMLYQGVYHFFYQYNPYAATFGDVIIWGHAVSYDLVNWIHLDPAIYPTQEADSKS
CWSGSATILPGNIPAMLYTGSDSKSRQVQDLAWPKNLSDPFLREWVKHPKNPLITPPEGVKDDCFRDPSTAWLGPDGVWR
IVVGGDRDNNGMAFLYQSTDFVNWKRYDQPLSSADATGTWECPDFYPVPLNSTNGLDTSVYGGSVRHVMKAGFEGHDWYT
IGTYSPDRENFLPQNGLSLTGSTLDLRYDYGQFYASKSFFDDAKNRRVLWAWVPETDSQADDIEKGWAGLQSFPRALWID
RNGKQLIQWPVEEIEELRQNQVNLQNKNLKPGSVLEIHGIAASQADVTISFKLEGLKEAEVLDTTLVDPQALCNERGASS
RGALGPFGLLAMASKDLKEQSAIFFRVFQNQLGRYSVLMCSDLSRSTVRSNIDTTSYGAFVDIDPRSEEISLRNLIDHSI
IESFGAGGKTCITSRIYPKFVNNEEAHLFVFNNGTQNVKISEMSAWSMKNAKFVVDQSVKSAA
;
_entity_poly.pdbx_strand_id   A
#
# COMPACT_ATOMS: atom_id res chain seq x y z
N GLN A 2 -26.62 16.35 -10.14
CA GLN A 2 -25.67 16.41 -8.99
C GLN A 2 -25.50 15.05 -8.33
N ILE A 3 -24.28 14.77 -7.86
CA ILE A 3 -23.97 13.52 -7.18
C ILE A 3 -23.47 13.85 -5.78
N GLU A 4 -23.94 13.08 -4.80
CA GLU A 4 -23.53 13.31 -3.42
C GLU A 4 -22.23 12.58 -3.11
N GLN A 5 -21.21 13.35 -2.71
CA GLN A 5 -19.92 12.76 -2.35
C GLN A 5 -19.34 11.95 -3.50
N PRO A 6 -19.09 12.60 -4.65
CA PRO A 6 -18.54 11.98 -5.85
C PRO A 6 -17.11 11.46 -5.70
N TYR A 7 -16.49 11.74 -4.56
CA TYR A 7 -15.13 11.29 -4.33
C TYR A 7 -15.03 10.01 -3.51
N ARG A 8 -16.12 9.60 -2.86
CA ARG A 8 -16.10 8.36 -2.09
C ARG A 8 -15.98 7.18 -3.04
N THR A 9 -15.20 6.19 -2.65
CA THR A 9 -14.98 5.01 -3.48
C THR A 9 -16.16 4.04 -3.43
N GLY A 10 -16.21 3.15 -4.42
CA GLY A 10 -17.28 2.17 -4.48
C GLY A 10 -16.87 0.80 -3.99
N TYR A 11 -15.58 0.50 -4.00
CA TYR A 11 -15.14 -0.81 -3.53
C TYR A 11 -13.82 -0.80 -2.77
N HIS A 12 -13.47 0.35 -2.21
CA HIS A 12 -12.26 0.45 -1.40
C HIS A 12 -12.72 0.60 0.04
N PHE A 13 -11.93 0.10 0.98
CA PHE A 13 -12.35 0.22 2.36
C PHE A 13 -12.14 1.62 2.90
N GLN A 14 -13.15 2.11 3.61
CA GLN A 14 -13.10 3.42 4.26
C GLN A 14 -14.29 3.44 5.21
N PRO A 15 -14.18 4.17 6.32
CA PRO A 15 -15.28 4.23 7.28
C PRO A 15 -16.45 5.07 6.75
N PRO A 16 -17.62 4.95 7.39
CA PRO A 16 -18.79 5.72 6.97
C PRO A 16 -18.44 7.21 6.79
N SER A 17 -17.54 7.69 7.64
CA SER A 17 -17.08 9.08 7.55
C SER A 17 -15.90 9.37 8.47
N ASN A 18 -15.46 10.61 8.45
CA ASN A 18 -14.34 11.10 9.26
C ASN A 18 -12.96 10.68 8.78
N TRP A 19 -11.98 10.89 9.66
CA TRP A 19 -10.58 10.58 9.37
C TRP A 19 -10.10 9.18 9.69
N MET A 20 -9.35 8.61 8.76
CA MET A 20 -8.77 7.29 8.92
C MET A 20 -7.36 7.28 8.36
N ASN A 21 -6.40 6.73 9.10
CA ASN A 21 -5.05 6.60 8.55
C ASN A 21 -4.55 5.15 8.61
N ASP A 22 -3.43 4.91 9.29
CA ASP A 22 -2.82 3.57 9.38
C ASP A 22 -3.70 2.34 9.56
N PRO A 23 -3.48 1.30 8.74
CA PRO A 23 -4.28 0.08 8.89
C PRO A 23 -3.72 -0.64 10.14
N ASN A 24 -4.58 -1.23 10.98
CA ASN A 24 -4.10 -1.89 12.19
C ASN A 24 -4.50 -3.35 12.39
N GLY A 25 -3.63 -4.08 13.09
CA GLY A 25 -3.86 -5.48 13.40
C GLY A 25 -4.61 -6.37 12.41
N PRO A 26 -4.31 -6.29 11.10
CA PRO A 26 -5.00 -7.13 10.12
C PRO A 26 -4.75 -8.59 10.46
N MET A 27 -5.74 -9.44 10.22
CA MET A 27 -5.58 -10.85 10.50
C MET A 27 -6.78 -11.64 10.03
N LEU A 28 -6.62 -12.96 10.05
CA LEU A 28 -7.68 -13.88 9.68
C LEU A 28 -7.86 -14.76 10.91
N TYR A 29 -9.04 -14.73 11.51
CA TYR A 29 -9.29 -15.53 12.70
C TYR A 29 -10.63 -16.26 12.59
N GLN A 30 -10.60 -17.57 12.80
CA GLN A 30 -11.81 -18.37 12.73
C GLN A 30 -12.65 -18.04 11.49
N GLY A 31 -11.99 -18.01 10.34
CA GLY A 31 -12.70 -17.75 9.09
C GLY A 31 -13.19 -16.34 8.87
N VAL A 32 -12.80 -15.42 9.73
CA VAL A 32 -13.22 -14.03 9.57
C VAL A 32 -12.01 -13.12 9.40
N TYR A 33 -12.10 -12.22 8.43
CA TYR A 33 -11.01 -11.29 8.19
C TYR A 33 -11.29 -10.07 9.05
N HIS A 34 -10.33 -9.73 9.90
CA HIS A 34 -10.48 -8.59 10.77
C HIS A 34 -9.62 -7.46 10.27
N PHE A 35 -10.17 -6.27 10.25
CA PHE A 35 -9.43 -5.10 9.84
C PHE A 35 -9.64 -4.00 10.88
N PHE A 36 -8.56 -3.34 11.26
CA PHE A 36 -8.61 -2.25 12.23
C PHE A 36 -7.89 -1.10 11.59
N TYR A 37 -8.06 0.11 12.13
CA TYR A 37 -7.42 1.28 11.55
C TYR A 37 -7.45 2.51 12.46
N GLN A 38 -6.43 3.34 12.35
CA GLN A 38 -6.35 4.58 13.11
C GLN A 38 -7.55 5.43 12.70
N TYR A 39 -8.37 5.80 13.69
CA TYR A 39 -9.58 6.57 13.41
C TYR A 39 -9.83 7.73 14.36
N ASN A 40 -10.35 8.83 13.81
CA ASN A 40 -10.69 9.99 14.62
C ASN A 40 -12.22 10.05 14.59
N PRO A 41 -12.86 9.77 15.73
CA PRO A 41 -14.32 9.80 15.78
C PRO A 41 -14.89 11.21 15.77
N TYR A 42 -14.02 12.20 15.93
CA TYR A 42 -14.47 13.57 16.00
C TYR A 42 -14.22 14.52 14.84
N ALA A 43 -13.47 14.10 13.83
CA ALA A 43 -13.21 14.98 12.71
C ALA A 43 -12.67 14.28 11.49
N ALA A 44 -12.61 15.03 10.39
CA ALA A 44 -12.09 14.54 9.12
C ALA A 44 -10.63 14.98 9.01
N THR A 45 -9.98 15.09 10.17
CA THR A 45 -8.58 15.47 10.23
C THR A 45 -7.99 14.69 11.40
N PHE A 46 -6.67 14.67 11.51
CA PHE A 46 -6.05 13.97 12.61
C PHE A 46 -6.46 14.73 13.88
N GLY A 47 -6.37 14.07 15.03
CA GLY A 47 -6.75 14.73 16.27
C GLY A 47 -6.03 14.20 17.50
N ASP A 48 -6.33 14.80 18.66
CA ASP A 48 -5.70 14.39 19.91
C ASP A 48 -6.22 13.04 20.38
N VAL A 49 -7.37 12.63 19.87
CA VAL A 49 -7.93 11.35 20.26
C VAL A 49 -8.08 10.45 19.03
N ILE A 50 -7.20 9.46 18.94
CA ILE A 50 -7.23 8.50 17.85
C ILE A 50 -7.50 7.11 18.41
N ILE A 51 -8.40 6.38 17.79
CA ILE A 51 -8.74 5.05 18.25
C ILE A 51 -8.76 4.04 17.10
N TRP A 52 -8.82 2.76 17.45
CA TRP A 52 -8.85 1.67 16.47
C TRP A 52 -10.25 1.38 15.94
N GLY A 53 -10.49 1.71 14.68
CA GLY A 53 -11.77 1.39 14.08
C GLY A 53 -11.74 -0.10 13.88
N HIS A 54 -12.90 -0.72 13.66
CA HIS A 54 -12.95 -2.17 13.49
C HIS A 54 -14.04 -2.59 12.51
N ALA A 55 -13.67 -3.46 11.57
CA ALA A 55 -14.60 -3.97 10.56
C ALA A 55 -14.20 -5.40 10.26
N VAL A 56 -15.17 -6.21 9.84
CA VAL A 56 -14.90 -7.60 9.53
C VAL A 56 -15.39 -7.99 8.14
N SER A 57 -14.83 -9.07 7.61
CA SER A 57 -15.22 -9.54 6.29
C SER A 57 -14.93 -11.02 6.07
N TYR A 58 -15.66 -11.63 5.16
CA TYR A 58 -15.46 -13.02 4.85
C TYR A 58 -14.69 -13.14 3.53
N ASP A 59 -14.55 -12.03 2.82
CA ASP A 59 -13.88 -12.03 1.53
C ASP A 59 -12.90 -10.88 1.26
N LEU A 60 -12.68 -10.03 2.25
CA LEU A 60 -11.77 -8.88 2.10
C LEU A 60 -12.34 -7.84 1.13
N VAL A 61 -13.58 -8.04 0.70
CA VAL A 61 -14.21 -7.11 -0.24
C VAL A 61 -15.40 -6.43 0.41
N ASN A 62 -16.33 -7.24 0.92
CA ASN A 62 -17.53 -6.72 1.56
C ASN A 62 -17.31 -6.68 3.06
N TRP A 63 -17.55 -5.51 3.65
CA TRP A 63 -17.31 -5.34 5.08
C TRP A 63 -18.49 -4.98 5.95
N ILE A 64 -18.32 -5.26 7.24
CA ILE A 64 -19.32 -4.93 8.24
C ILE A 64 -18.60 -4.03 9.25
N HIS A 65 -19.07 -2.79 9.38
CA HIS A 65 -18.47 -1.84 10.30
C HIS A 65 -18.96 -2.12 11.71
N LEU A 66 -18.02 -2.24 12.64
CA LEU A 66 -18.36 -2.52 14.04
C LEU A 66 -17.98 -1.30 14.86
N ASP A 67 -18.09 -1.41 16.19
CA ASP A 67 -17.70 -0.31 17.04
C ASP A 67 -16.20 -0.40 17.23
N PRO A 68 -15.55 0.72 17.53
CA PRO A 68 -14.10 0.68 17.72
C PRO A 68 -13.71 -0.38 18.74
N ALA A 69 -12.63 -1.10 18.45
CA ALA A 69 -12.16 -2.18 19.30
C ALA A 69 -11.21 -1.74 20.42
N ILE A 70 -10.25 -0.89 20.08
CA ILE A 70 -9.28 -0.42 21.05
C ILE A 70 -9.35 1.10 21.18
N TYR A 71 -9.61 1.56 22.39
CA TYR A 71 -9.73 2.98 22.69
C TYR A 71 -9.23 3.22 24.11
N PRO A 72 -8.66 4.40 24.38
CA PRO A 72 -8.15 4.69 25.72
C PRO A 72 -9.07 4.27 26.89
N THR A 73 -8.54 3.43 27.77
CA THR A 73 -9.27 2.96 28.95
C THR A 73 -8.35 2.88 30.16
N GLN A 74 -7.04 2.94 29.93
CA GLN A 74 -6.09 2.90 31.03
C GLN A 74 -5.00 3.94 30.88
N GLU A 75 -4.25 4.18 31.96
CA GLU A 75 -3.20 5.17 31.94
C GLU A 75 -2.21 4.94 30.79
N ALA A 76 -1.92 3.67 30.52
CA ALA A 76 -0.97 3.30 29.47
C ALA A 76 -1.39 3.71 28.05
N ASP A 77 -2.62 4.21 27.89
CA ASP A 77 -3.07 4.64 26.58
C ASP A 77 -4.20 5.66 26.70
N SER A 78 -4.17 6.41 27.79
CA SER A 78 -5.18 7.42 28.07
C SER A 78 -5.32 8.56 27.07
N LYS A 79 -4.22 8.89 26.39
CA LYS A 79 -4.27 9.98 25.41
C LYS A 79 -4.56 9.58 23.98
N SER A 80 -4.40 8.30 23.67
CA SER A 80 -4.66 7.78 22.32
C SER A 80 -4.16 6.35 22.15
N CYS A 81 -4.73 5.67 21.17
CA CYS A 81 -4.34 4.31 20.85
C CYS A 81 -3.83 4.32 19.42
N TRP A 82 -2.51 4.40 19.26
CA TRP A 82 -1.94 4.43 17.92
C TRP A 82 -1.66 3.05 17.33
N SER A 83 -1.05 3.04 16.15
CA SER A 83 -0.79 1.81 15.41
C SER A 83 -0.18 0.61 16.12
N GLY A 84 -0.58 -0.57 15.63
CA GLY A 84 -0.11 -1.82 16.19
C GLY A 84 -0.41 -3.00 15.27
N SER A 85 -0.04 -4.20 15.71
CA SER A 85 -0.23 -5.40 14.91
C SER A 85 -0.84 -6.55 15.69
N ALA A 86 -1.36 -7.54 14.95
CA ALA A 86 -1.98 -8.71 15.55
C ALA A 86 -1.12 -9.94 15.37
N THR A 87 -1.07 -10.76 16.41
CA THR A 87 -0.31 -12.01 16.38
C THR A 87 -1.19 -13.08 17.01
N ILE A 88 -1.49 -14.14 16.28
CA ILE A 88 -2.32 -15.20 16.83
C ILE A 88 -1.39 -16.23 17.48
N LEU A 89 -1.45 -16.31 18.81
CA LEU A 89 -0.60 -17.21 19.56
C LEU A 89 -1.14 -18.63 19.64
N PRO A 90 -0.25 -19.61 19.86
CA PRO A 90 -0.65 -21.02 19.98
C PRO A 90 -1.79 -21.06 20.99
N GLY A 91 -2.75 -21.94 20.77
CA GLY A 91 -3.88 -21.98 21.69
C GLY A 91 -5.01 -21.19 21.06
N ASN A 92 -4.71 -20.62 19.89
CA ASN A 92 -5.66 -19.85 19.11
C ASN A 92 -6.18 -18.57 19.78
N ILE A 93 -5.26 -17.76 20.26
CA ILE A 93 -5.61 -16.50 20.92
C ILE A 93 -4.96 -15.31 20.22
N PRO A 94 -5.78 -14.46 19.57
CA PRO A 94 -5.19 -13.30 18.89
C PRO A 94 -4.72 -12.25 19.90
N ALA A 95 -3.42 -11.95 19.85
CA ALA A 95 -2.81 -10.96 20.75
C ALA A 95 -2.50 -9.68 19.97
N MET A 96 -2.94 -8.54 20.50
CA MET A 96 -2.71 -7.26 19.83
C MET A 96 -1.72 -6.38 20.59
N LEU A 97 -0.66 -5.98 19.90
CA LEU A 97 0.35 -5.10 20.47
C LEU A 97 0.19 -3.76 19.76
N TYR A 98 0.04 -2.69 20.52
CA TYR A 98 -0.14 -1.38 19.92
C TYR A 98 0.56 -0.31 20.75
N THR A 99 0.77 0.83 20.13
CA THR A 99 1.42 1.93 20.80
C THR A 99 0.38 2.84 21.41
N GLY A 100 0.49 3.05 22.72
CA GLY A 100 -0.46 3.94 23.38
C GLY A 100 0.26 5.21 23.75
N SER A 101 -0.52 6.27 23.95
CA SER A 101 0.04 7.57 24.37
C SER A 101 -0.44 7.68 25.82
N ASP A 102 0.46 7.49 26.78
CA ASP A 102 0.05 7.56 28.18
C ASP A 102 -0.21 8.97 28.71
N SER A 103 -0.59 9.05 29.99
CA SER A 103 -0.89 10.33 30.63
C SER A 103 0.26 11.34 30.56
N LYS A 104 1.50 10.85 30.49
CA LYS A 104 2.65 11.72 30.39
C LYS A 104 3.00 11.97 28.93
N SER A 105 2.07 11.64 28.05
CA SER A 105 2.25 11.81 26.61
C SER A 105 3.42 11.06 26.00
N ARG A 106 3.81 9.92 26.55
CA ARG A 106 4.91 9.19 25.93
C ARG A 106 4.41 7.92 25.25
N GLN A 107 5.04 7.56 24.15
CA GLN A 107 4.68 6.40 23.37
C GLN A 107 5.18 5.11 24.04
N VAL A 108 4.24 4.24 24.39
CA VAL A 108 4.56 2.99 25.05
C VAL A 108 3.82 1.82 24.39
N GLN A 109 4.37 0.62 24.50
CA GLN A 109 3.76 -0.55 23.87
C GLN A 109 2.82 -1.31 24.80
N ASP A 110 1.57 -1.43 24.38
CA ASP A 110 0.52 -2.11 25.16
C ASP A 110 -0.01 -3.39 24.52
N LEU A 111 -0.58 -4.26 25.35
CA LEU A 111 -1.13 -5.54 24.92
C LEU A 111 -2.64 -5.61 25.16
N ALA A 112 -3.34 -6.26 24.25
CA ALA A 112 -4.78 -6.44 24.38
C ALA A 112 -5.17 -7.70 23.62
N TRP A 113 -6.27 -8.32 24.00
CA TRP A 113 -6.74 -9.51 23.31
C TRP A 113 -8.24 -9.56 23.47
N PRO A 114 -8.93 -10.28 22.59
CA PRO A 114 -10.40 -10.37 22.70
C PRO A 114 -10.88 -10.92 24.03
N LYS A 115 -11.98 -10.37 24.52
CA LYS A 115 -12.53 -10.79 25.80
C LYS A 115 -13.57 -11.89 25.67
N ASN A 116 -13.99 -12.17 24.43
CA ASN A 116 -15.02 -13.16 24.16
C ASN A 116 -14.74 -13.88 22.84
N LEU A 117 -13.91 -14.92 22.87
CA LEU A 117 -13.54 -15.66 21.67
C LEU A 117 -14.70 -16.39 21.00
N SER A 118 -15.87 -16.37 21.64
CA SER A 118 -17.05 -17.03 21.09
C SER A 118 -17.66 -16.12 20.04
N ASP A 119 -17.32 -14.84 20.13
CA ASP A 119 -17.83 -13.84 19.21
C ASP A 119 -17.03 -13.88 17.90
N PRO A 120 -17.67 -14.29 16.80
CA PRO A 120 -17.02 -14.37 15.49
C PRO A 120 -16.43 -13.04 15.07
N PHE A 121 -17.01 -11.96 15.57
CA PHE A 121 -16.55 -10.63 15.21
C PHE A 121 -15.57 -10.00 16.20
N LEU A 122 -15.28 -10.69 17.30
CA LEU A 122 -14.34 -10.15 18.29
C LEU A 122 -14.55 -8.66 18.55
N ARG A 123 -15.73 -8.29 19.03
CA ARG A 123 -16.03 -6.89 19.30
C ARG A 123 -15.38 -6.33 20.55
N GLU A 124 -15.42 -7.09 21.64
CA GLU A 124 -14.85 -6.65 22.90
C GLU A 124 -13.42 -7.09 23.14
N TRP A 125 -12.58 -6.15 23.53
CA TRP A 125 -11.18 -6.45 23.81
C TRP A 125 -10.83 -6.07 25.24
N VAL A 126 -9.95 -6.85 25.85
CA VAL A 126 -9.52 -6.57 27.21
C VAL A 126 -8.04 -6.20 27.18
N LYS A 127 -7.62 -5.32 28.08
CA LYS A 127 -6.23 -4.90 28.12
C LYS A 127 -5.45 -5.52 29.25
N HIS A 128 -4.17 -5.78 29.02
CA HIS A 128 -3.33 -6.40 30.04
C HIS A 128 -3.13 -5.45 31.22
N PRO A 129 -3.29 -5.97 32.44
CA PRO A 129 -3.14 -5.16 33.65
C PRO A 129 -1.74 -4.56 33.81
N LYS A 130 -0.75 -5.18 33.18
CA LYS A 130 0.62 -4.67 33.32
C LYS A 130 1.07 -3.68 32.25
N ASN A 131 0.15 -3.16 31.44
CA ASN A 131 0.53 -2.18 30.43
C ASN A 131 1.05 -0.91 31.11
N PRO A 132 2.07 -0.26 30.52
CA PRO A 132 2.72 -0.65 29.26
C PRO A 132 3.69 -1.80 29.43
N LEU A 133 3.80 -2.63 28.40
CA LEU A 133 4.70 -3.77 28.42
C LEU A 133 6.12 -3.35 28.02
N ILE A 134 6.22 -2.30 27.21
CA ILE A 134 7.51 -1.79 26.78
C ILE A 134 7.49 -0.28 26.74
N THR A 135 8.57 0.33 27.22
CA THR A 135 8.70 1.78 27.23
C THR A 135 9.96 2.17 26.45
N PRO A 136 10.06 3.43 26.04
CA PRO A 136 11.22 3.91 25.27
C PRO A 136 12.57 3.51 25.87
N PRO A 137 13.48 2.97 25.01
CA PRO A 137 14.82 2.55 25.46
C PRO A 137 15.57 3.76 26.02
N GLU A 138 16.79 3.53 26.51
CA GLU A 138 17.55 4.64 27.09
C GLU A 138 17.65 5.92 26.26
N GLY A 139 18.51 5.94 25.26
CA GLY A 139 18.66 7.15 24.46
C GLY A 139 17.61 7.43 23.41
N VAL A 140 16.36 7.11 23.71
CA VAL A 140 15.27 7.32 22.75
C VAL A 140 14.19 8.23 23.31
N LYS A 141 13.83 9.25 22.54
CA LYS A 141 12.81 10.21 22.97
C LYS A 141 11.45 9.56 23.15
N ASP A 142 10.61 10.18 23.99
CA ASP A 142 9.29 9.63 24.26
C ASP A 142 8.32 9.62 23.09
N ASP A 143 8.62 10.37 22.03
CA ASP A 143 7.73 10.40 20.87
C ASP A 143 8.40 9.83 19.62
N CYS A 144 9.33 8.92 19.84
CA CYS A 144 10.06 8.28 18.76
C CYS A 144 10.23 6.80 19.04
N PHE A 145 9.15 6.16 19.49
CA PHE A 145 9.19 4.74 19.82
C PHE A 145 7.79 4.17 19.62
N ARG A 146 7.50 3.66 18.43
CA ARG A 146 6.16 3.15 18.18
C ARG A 146 5.98 2.14 17.05
N ASP A 147 4.72 1.69 16.91
CA ASP A 147 4.29 0.75 15.89
C ASP A 147 4.86 -0.66 15.97
N PRO A 148 4.52 -1.41 17.03
CA PRO A 148 5.04 -2.77 17.16
C PRO A 148 4.51 -3.67 16.04
N SER A 149 5.37 -4.54 15.55
CA SER A 149 5.01 -5.44 14.44
C SER A 149 4.36 -6.72 14.92
N THR A 150 4.04 -7.58 13.96
CA THR A 150 3.48 -8.88 14.27
C THR A 150 4.70 -9.65 14.78
N ALA A 151 4.51 -10.52 15.76
CA ALA A 151 5.63 -11.26 16.31
C ALA A 151 5.88 -12.56 15.56
N TRP A 152 7.11 -13.06 15.67
CA TRP A 152 7.45 -14.34 15.07
C TRP A 152 8.15 -15.19 16.14
N LEU A 153 7.84 -16.47 16.13
CA LEU A 153 8.38 -17.42 17.10
C LEU A 153 9.57 -18.14 16.51
N GLY A 154 10.72 -17.98 17.15
CA GLY A 154 11.93 -18.62 16.66
C GLY A 154 12.02 -20.09 17.04
N PRO A 155 12.92 -20.84 16.40
CA PRO A 155 13.06 -22.26 16.71
C PRO A 155 13.29 -22.53 18.20
N ASP A 156 13.87 -21.56 18.90
CA ASP A 156 14.15 -21.69 20.33
C ASP A 156 12.92 -21.38 21.20
N GLY A 157 11.76 -21.24 20.56
CA GLY A 157 10.53 -20.96 21.30
C GLY A 157 10.46 -19.57 21.89
N VAL A 158 11.21 -18.64 21.30
CA VAL A 158 11.19 -17.28 21.80
C VAL A 158 10.58 -16.34 20.75
N TRP A 159 9.67 -15.48 21.20
CA TRP A 159 9.01 -14.54 20.31
C TRP A 159 9.88 -13.34 20.01
N ARG A 160 9.74 -12.81 18.80
CA ARG A 160 10.46 -11.62 18.37
C ARG A 160 9.49 -10.63 17.74
N ILE A 161 9.72 -9.35 18.01
CA ILE A 161 8.92 -8.27 17.41
C ILE A 161 9.85 -7.09 17.22
N VAL A 162 9.48 -6.17 16.34
CA VAL A 162 10.29 -4.97 16.16
C VAL A 162 9.38 -3.79 16.45
N VAL A 163 9.97 -2.70 16.92
CA VAL A 163 9.20 -1.49 17.21
C VAL A 163 9.93 -0.36 16.49
N GLY A 164 9.16 0.52 15.87
CA GLY A 164 9.76 1.63 15.15
C GLY A 164 10.26 2.72 16.07
N GLY A 165 10.88 3.72 15.47
CA GLY A 165 11.42 4.84 16.24
C GLY A 165 12.77 5.22 15.66
N ASP A 166 13.55 5.95 16.45
CA ASP A 166 14.88 6.34 16.00
C ASP A 166 15.74 6.75 17.18
N ARG A 167 17.05 6.63 16.99
CA ARG A 167 17.99 7.01 18.02
C ARG A 167 18.87 8.08 17.38
N ASP A 168 18.68 9.32 17.79
CA ASP A 168 19.43 10.45 17.25
C ASP A 168 19.16 10.57 15.76
N ASN A 169 17.88 10.59 15.41
CA ASN A 169 17.43 10.72 14.02
C ASN A 169 17.80 9.54 13.11
N ASN A 170 18.30 8.45 13.69
CA ASN A 170 18.63 7.29 12.90
C ASN A 170 17.54 6.24 12.99
N GLY A 171 16.87 5.98 11.87
CA GLY A 171 15.80 5.00 11.82
C GLY A 171 16.14 3.71 12.55
N MET A 172 15.18 3.21 13.32
CA MET A 172 15.42 2.01 14.10
C MET A 172 14.28 0.99 14.06
N ALA A 173 14.66 -0.28 14.05
CA ALA A 173 13.71 -1.38 14.11
C ALA A 173 14.15 -2.09 15.39
N PHE A 174 13.79 -1.50 16.53
CA PHE A 174 14.15 -2.05 17.84
C PHE A 174 13.61 -3.47 17.97
N LEU A 175 14.47 -4.39 18.39
CA LEU A 175 14.11 -5.80 18.54
C LEU A 175 13.88 -6.22 19.98
N TYR A 176 12.74 -6.85 20.25
CA TYR A 176 12.43 -7.32 21.59
C TYR A 176 12.10 -8.80 21.60
N GLN A 177 12.36 -9.45 22.72
CA GLN A 177 12.10 -10.88 22.84
C GLN A 177 11.22 -11.20 24.03
N SER A 178 10.50 -12.32 23.94
CA SER A 178 9.61 -12.77 25.01
C SER A 178 9.21 -14.22 24.81
N THR A 179 8.88 -14.91 25.90
CA THR A 179 8.43 -16.30 25.82
C THR A 179 6.95 -16.36 26.17
N ASP A 180 6.50 -15.45 27.03
CA ASP A 180 5.10 -15.42 27.45
C ASP A 180 4.29 -14.31 26.77
N PHE A 181 4.95 -13.53 25.92
CA PHE A 181 4.32 -12.43 25.19
C PHE A 181 3.90 -11.28 26.11
N VAL A 182 4.28 -11.37 27.39
CA VAL A 182 3.95 -10.34 28.37
C VAL A 182 5.19 -9.61 28.86
N ASN A 183 6.26 -10.37 29.10
CA ASN A 183 7.54 -9.82 29.55
C ASN A 183 8.49 -9.77 28.37
N TRP A 184 8.80 -8.56 27.91
CA TRP A 184 9.69 -8.37 26.77
C TRP A 184 11.01 -7.75 27.21
N LYS A 185 12.10 -8.18 26.57
CA LYS A 185 13.41 -7.63 26.88
C LYS A 185 14.06 -7.20 25.58
N ARG A 186 14.48 -5.94 25.55
CA ARG A 186 15.12 -5.36 24.38
C ARG A 186 16.43 -6.06 24.05
N TYR A 187 16.61 -6.42 22.78
CA TYR A 187 17.84 -7.06 22.36
C TYR A 187 18.90 -5.97 22.28
N ASP A 188 20.16 -6.33 22.53
CA ASP A 188 21.24 -5.36 22.51
C ASP A 188 21.27 -4.45 21.27
N GLN A 189 21.30 -5.07 20.09
CA GLN A 189 21.33 -4.32 18.83
C GLN A 189 19.97 -4.37 18.12
N PRO A 190 19.68 -3.38 17.25
CA PRO A 190 18.41 -3.33 16.51
C PRO A 190 18.43 -4.42 15.44
N LEU A 191 17.26 -4.79 14.93
CA LEU A 191 17.21 -5.81 13.89
C LEU A 191 17.83 -5.19 12.65
N SER A 192 17.54 -3.92 12.44
CA SER A 192 18.06 -3.18 11.30
C SER A 192 17.90 -1.68 11.57
N SER A 193 18.52 -0.86 10.73
CA SER A 193 18.45 0.59 10.92
C SER A 193 19.07 1.34 9.75
N ALA A 194 18.94 2.67 9.77
CA ALA A 194 19.49 3.50 8.71
C ALA A 194 19.78 4.90 9.26
N ASP A 195 20.87 5.49 8.79
CA ASP A 195 21.26 6.82 9.24
C ASP A 195 20.40 7.95 8.72
N ALA A 196 20.26 8.99 9.55
CA ALA A 196 19.52 10.20 9.21
C ALA A 196 18.22 10.05 8.43
N THR A 197 17.47 8.99 8.69
CA THR A 197 16.22 8.78 7.98
C THR A 197 15.03 9.28 8.79
N GLY A 198 15.25 9.57 10.07
CA GLY A 198 14.15 10.02 10.90
C GLY A 198 13.48 8.77 11.45
N THR A 199 12.34 8.94 12.12
CA THR A 199 11.64 7.80 12.72
C THR A 199 11.14 6.75 11.73
N TRP A 200 11.43 5.49 12.03
CA TRP A 200 10.95 4.38 11.20
C TRP A 200 9.55 4.07 11.68
N GLU A 201 8.56 4.27 10.81
CA GLU A 201 7.18 4.01 11.19
C GLU A 201 6.64 2.70 10.63
N CYS A 202 5.79 2.05 11.42
CA CYS A 202 5.16 0.79 11.03
C CYS A 202 6.08 -0.24 10.39
N PRO A 203 7.13 -0.65 11.12
CA PRO A 203 8.08 -1.65 10.61
C PRO A 203 7.35 -2.97 10.41
N ASP A 204 7.74 -3.71 9.39
CA ASP A 204 7.12 -5.00 9.13
C ASP A 204 8.29 -5.90 8.78
N PHE A 205 8.34 -7.08 9.39
CA PHE A 205 9.43 -8.03 9.14
C PHE A 205 8.79 -9.39 8.92
N TYR A 206 8.95 -9.94 7.72
CA TYR A 206 8.34 -11.23 7.42
C TYR A 206 9.09 -12.03 6.36
N PRO A 207 8.78 -13.33 6.28
CA PRO A 207 9.43 -14.20 5.30
C PRO A 207 8.62 -14.34 4.01
N VAL A 208 9.31 -14.65 2.92
CA VAL A 208 8.69 -14.87 1.62
C VAL A 208 9.38 -16.11 1.05
N PRO A 209 8.60 -17.01 0.42
CA PRO A 209 9.16 -18.23 -0.16
C PRO A 209 9.80 -18.04 -1.53
N LEU A 210 11.05 -18.47 -1.68
CA LEU A 210 11.72 -18.35 -2.96
C LEU A 210 11.07 -19.30 -3.95
N ASN A 211 11.05 -18.89 -5.22
CA ASN A 211 10.44 -19.69 -6.28
C ASN A 211 9.04 -20.19 -5.87
N SER A 212 8.16 -19.23 -5.60
CA SER A 212 6.78 -19.50 -5.21
C SER A 212 6.04 -18.18 -5.25
N THR A 213 4.77 -18.22 -5.64
CA THR A 213 3.99 -17.00 -5.69
C THR A 213 3.01 -16.99 -4.52
N ASN A 214 3.35 -17.73 -3.48
CA ASN A 214 2.50 -17.83 -2.29
C ASN A 214 3.08 -17.11 -1.09
N GLY A 215 2.32 -17.14 0.01
CA GLY A 215 2.76 -16.49 1.23
C GLY A 215 3.17 -17.48 2.30
N LEU A 216 3.78 -16.98 3.36
CA LEU A 216 4.23 -17.83 4.44
C LEU A 216 3.85 -17.28 5.80
N ASP A 217 3.70 -18.17 6.76
CA ASP A 217 3.40 -17.75 8.11
C ASP A 217 4.62 -16.95 8.56
N THR A 218 4.41 -15.91 9.35
CA THR A 218 5.51 -15.07 9.82
C THR A 218 6.64 -15.85 10.52
N SER A 219 6.33 -16.98 11.12
CA SER A 219 7.36 -17.75 11.82
C SER A 219 8.14 -18.79 11.00
N VAL A 220 7.98 -18.79 9.69
CA VAL A 220 8.70 -19.74 8.86
C VAL A 220 10.14 -19.27 8.60
N TYR A 221 11.05 -20.22 8.41
CA TYR A 221 12.44 -19.89 8.14
C TYR A 221 13.08 -21.05 7.38
N GLY A 222 14.22 -20.79 6.75
CA GLY A 222 14.86 -21.84 5.99
C GLY A 222 15.70 -21.29 4.87
N GLY A 223 16.41 -22.18 4.17
CA GLY A 223 17.26 -21.75 3.08
C GLY A 223 16.48 -21.29 1.87
N SER A 224 15.30 -21.83 1.70
CA SER A 224 14.45 -21.50 0.56
C SER A 224 13.52 -20.34 0.95
N VAL A 225 13.95 -19.58 1.95
CA VAL A 225 13.18 -18.45 2.43
C VAL A 225 14.08 -17.23 2.62
N ARG A 226 13.54 -16.07 2.32
CA ARG A 226 14.25 -14.81 2.50
C ARG A 226 13.31 -13.92 3.29
N HIS A 227 13.87 -12.92 3.97
CA HIS A 227 13.05 -12.02 4.75
C HIS A 227 13.00 -10.60 4.19
N VAL A 228 11.88 -9.94 4.45
CA VAL A 228 11.68 -8.58 4.01
C VAL A 228 11.64 -7.68 5.24
N MET A 229 12.41 -6.60 5.19
CA MET A 229 12.46 -5.64 6.28
C MET A 229 11.83 -4.38 5.67
N LYS A 230 10.62 -4.06 6.13
CA LYS A 230 9.90 -2.90 5.63
C LYS A 230 9.77 -1.82 6.70
N ALA A 231 9.92 -0.58 6.29
CA ALA A 231 9.80 0.55 7.22
C ALA A 231 9.38 1.81 6.48
N GLY A 232 8.55 2.61 7.12
CA GLY A 232 8.10 3.83 6.51
C GLY A 232 8.86 5.01 7.09
N PHE A 233 9.42 5.83 6.22
CA PHE A 233 10.14 7.02 6.64
C PHE A 233 10.30 7.98 5.48
N GLU A 234 10.49 9.25 5.81
CA GLU A 234 10.60 10.32 4.84
C GLU A 234 9.41 10.33 3.89
N GLY A 235 8.25 9.94 4.43
CA GLY A 235 7.02 9.95 3.66
C GLY A 235 6.66 8.76 2.80
N HIS A 236 7.49 7.72 2.78
CA HIS A 236 7.20 6.55 1.97
C HIS A 236 7.52 5.25 2.65
N ASP A 237 6.97 4.17 2.10
CA ASP A 237 7.22 2.85 2.63
C ASP A 237 8.32 2.19 1.81
N TRP A 238 9.43 1.87 2.47
CA TRP A 238 10.55 1.23 1.79
C TRP A 238 10.72 -0.17 2.32
N TYR A 239 11.41 -1.01 1.55
CA TYR A 239 11.65 -2.38 1.98
C TYR A 239 12.92 -2.91 1.33
N THR A 240 13.49 -3.91 1.96
CA THR A 240 14.70 -4.52 1.46
C THR A 240 14.63 -6.02 1.74
N ILE A 241 15.04 -6.82 0.75
CA ILE A 241 15.02 -8.27 0.85
C ILE A 241 16.36 -8.75 1.39
N GLY A 242 16.34 -9.74 2.27
CA GLY A 242 17.58 -10.24 2.83
C GLY A 242 17.48 -11.57 3.55
N THR A 243 18.54 -11.88 4.29
CA THR A 243 18.63 -13.11 5.05
C THR A 243 18.60 -12.84 6.54
N TYR A 244 17.83 -13.64 7.27
CA TYR A 244 17.68 -13.50 8.71
C TYR A 244 18.29 -14.65 9.48
N SER A 245 19.04 -14.32 10.53
CA SER A 245 19.68 -15.31 11.38
C SER A 245 19.21 -15.11 12.82
N PRO A 246 18.15 -15.84 13.24
CA PRO A 246 17.58 -15.74 14.59
C PRO A 246 18.65 -15.89 15.67
N ASP A 247 19.51 -16.90 15.48
CA ASP A 247 20.60 -17.21 16.38
C ASP A 247 21.32 -15.98 16.89
N ARG A 248 21.71 -15.10 15.98
CA ARG A 248 22.41 -13.88 16.38
C ARG A 248 21.62 -12.61 16.04
N GLU A 249 20.33 -12.79 15.78
CA GLU A 249 19.44 -11.67 15.45
C GLU A 249 20.07 -10.75 14.41
N ASN A 250 20.45 -11.34 13.29
CA ASN A 250 21.08 -10.60 12.22
C ASN A 250 20.30 -10.63 10.91
N PHE A 251 20.11 -9.44 10.34
CA PHE A 251 19.43 -9.31 9.06
C PHE A 251 20.44 -8.75 8.08
N LEU A 252 20.74 -9.51 7.04
CA LEU A 252 21.71 -9.07 6.05
C LEU A 252 21.03 -8.73 4.72
N PRO A 253 21.06 -7.44 4.33
CA PRO A 253 20.43 -7.01 3.07
C PRO A 253 21.06 -7.74 1.88
N GLN A 254 20.22 -8.26 1.01
CA GLN A 254 20.68 -8.97 -0.16
C GLN A 254 21.65 -8.14 -1.02
N ASN A 255 21.39 -6.84 -1.11
CA ASN A 255 22.24 -5.94 -1.89
C ASN A 255 23.24 -5.20 -1.01
N GLY A 256 23.39 -5.68 0.22
CA GLY A 256 24.32 -5.08 1.18
C GLY A 256 24.15 -3.60 1.44
N LEU A 257 22.98 -3.04 1.11
CA LEU A 257 22.76 -1.63 1.32
C LEU A 257 21.88 -1.34 2.53
N SER A 258 22.03 -0.14 3.08
CA SER A 258 21.20 0.28 4.19
C SER A 258 20.19 1.20 3.53
N LEU A 259 18.95 1.16 3.98
CA LEU A 259 17.95 2.03 3.40
C LEU A 259 18.42 3.48 3.49
N THR A 260 18.18 4.24 2.44
CA THR A 260 18.57 5.65 2.39
C THR A 260 17.41 6.51 1.91
N GLY A 261 16.34 5.86 1.45
CA GLY A 261 15.19 6.59 0.95
C GLY A 261 15.55 7.26 -0.36
N SER A 262 16.39 6.59 -1.14
CA SER A 262 16.83 7.11 -2.43
C SER A 262 16.34 6.20 -3.54
N THR A 263 16.60 6.61 -4.78
CA THR A 263 16.19 5.84 -5.93
C THR A 263 16.91 4.49 -5.97
N LEU A 264 17.77 4.27 -4.98
CA LEU A 264 18.51 3.01 -4.84
C LEU A 264 17.65 1.97 -4.12
N ASP A 265 16.66 2.43 -3.36
CA ASP A 265 15.80 1.53 -2.60
C ASP A 265 14.47 1.18 -3.26
N LEU A 266 13.87 0.09 -2.82
CA LEU A 266 12.59 -0.36 -3.34
C LEU A 266 11.42 0.12 -2.49
N ARG A 267 10.26 0.21 -3.12
CA ARG A 267 9.03 0.61 -2.45
C ARG A 267 7.96 -0.37 -2.89
N TYR A 268 6.89 -0.47 -2.12
CA TYR A 268 5.80 -1.34 -2.51
C TYR A 268 5.11 -0.61 -3.65
N ASP A 269 4.74 0.64 -3.36
CA ASP A 269 4.04 1.50 -4.29
C ASP A 269 4.80 2.82 -4.40
N TYR A 270 4.81 3.40 -5.59
CA TYR A 270 5.53 4.66 -5.82
C TYR A 270 4.65 5.90 -5.85
N GLY A 271 3.42 5.79 -5.38
CA GLY A 271 2.52 6.94 -5.32
C GLY A 271 2.12 7.19 -3.88
N GLN A 272 0.84 7.44 -3.65
CA GLN A 272 0.31 7.66 -2.30
C GLN A 272 0.08 6.30 -1.67
N PHE A 273 0.97 5.91 -0.77
CA PHE A 273 0.91 4.60 -0.14
C PHE A 273 1.73 4.72 1.13
N TYR A 274 1.13 4.49 2.29
CA TYR A 274 1.90 4.63 3.53
C TYR A 274 1.39 3.75 4.68
N ALA A 275 2.25 3.53 5.67
CA ALA A 275 1.91 2.74 6.84
C ALA A 275 1.42 1.35 6.45
N SER A 276 1.96 0.81 5.36
CA SER A 276 1.55 -0.49 4.90
C SER A 276 1.87 -1.57 5.94
N LYS A 277 0.96 -2.53 6.07
CA LYS A 277 1.12 -3.63 7.01
C LYS A 277 0.56 -4.90 6.36
N SER A 278 1.21 -6.04 6.59
CA SER A 278 0.78 -7.29 6.00
C SER A 278 0.45 -8.34 7.04
N PHE A 279 -0.30 -9.36 6.61
CA PHE A 279 -0.64 -10.46 7.50
C PHE A 279 -0.72 -11.72 6.67
N PHE A 280 -0.55 -12.87 7.31
CA PHE A 280 -0.61 -14.13 6.59
C PHE A 280 -2.02 -14.71 6.64
N ASP A 281 -2.51 -15.14 5.49
CA ASP A 281 -3.83 -15.74 5.33
C ASP A 281 -3.57 -17.23 5.18
N ASP A 282 -3.75 -18.01 6.24
CA ASP A 282 -3.47 -19.44 6.14
C ASP A 282 -4.53 -20.23 5.39
N ALA A 283 -5.65 -19.58 5.06
CA ALA A 283 -6.73 -20.25 4.33
C ALA A 283 -6.37 -20.29 2.84
N LYS A 284 -5.79 -19.21 2.34
CA LYS A 284 -5.40 -19.14 0.92
C LYS A 284 -3.87 -19.24 0.77
N ASN A 285 -3.16 -19.37 1.87
CA ASN A 285 -1.70 -19.45 1.86
C ASN A 285 -1.10 -18.30 1.07
N ARG A 286 -1.45 -17.09 1.50
CA ARG A 286 -0.99 -15.88 0.86
C ARG A 286 -0.75 -14.78 1.89
N ARG A 287 0.16 -13.88 1.58
CA ARG A 287 0.41 -12.76 2.47
C ARG A 287 -0.37 -11.59 1.85
N VAL A 288 -1.21 -10.96 2.66
CA VAL A 288 -2.01 -9.84 2.19
C VAL A 288 -1.48 -8.53 2.73
N LEU A 289 -1.43 -7.52 1.86
CA LEU A 289 -0.92 -6.21 2.24
C LEU A 289 -1.99 -5.12 2.21
N TRP A 290 -2.05 -4.35 3.30
CA TRP A 290 -2.98 -3.23 3.44
C TRP A 290 -2.15 -1.95 3.51
N ALA A 291 -2.71 -0.85 3.03
CA ALA A 291 -1.99 0.42 3.10
C ALA A 291 -2.94 1.59 3.10
N TRP A 292 -2.57 2.61 3.87
CA TRP A 292 -3.33 3.83 3.97
C TRP A 292 -3.02 4.70 2.76
N VAL A 293 -4.04 5.24 2.13
CA VAL A 293 -3.83 6.12 0.98
C VAL A 293 -4.38 7.48 1.41
N PRO A 294 -3.49 8.41 1.77
CA PRO A 294 -3.87 9.75 2.21
C PRO A 294 -4.64 10.55 1.17
N GLU A 295 -5.23 11.65 1.61
CA GLU A 295 -5.96 12.54 0.73
C GLU A 295 -4.93 13.46 0.11
N THR A 296 -5.19 13.97 -1.09
CA THR A 296 -4.26 14.88 -1.71
C THR A 296 -4.98 16.20 -2.00
N ASP A 297 -6.17 16.34 -1.42
CA ASP A 297 -6.92 17.58 -1.54
C ASP A 297 -6.55 18.36 -0.28
N SER A 298 -7.17 19.50 -0.03
CA SER A 298 -6.81 20.28 1.17
C SER A 298 -7.57 19.87 2.41
N GLN A 299 -7.05 20.30 3.57
CA GLN A 299 -7.70 19.99 4.84
C GLN A 299 -9.11 20.56 4.86
N ALA A 300 -9.26 21.75 4.28
CA ALA A 300 -10.56 22.40 4.21
C ALA A 300 -11.50 21.52 3.40
N ASP A 301 -10.96 20.94 2.33
CA ASP A 301 -11.75 20.06 1.47
C ASP A 301 -12.22 18.84 2.26
N ASP A 302 -11.32 18.31 3.08
CA ASP A 302 -11.63 17.13 3.89
C ASP A 302 -12.75 17.45 4.86
N ILE A 303 -12.57 18.52 5.64
CA ILE A 303 -13.57 18.95 6.61
C ILE A 303 -14.90 19.22 5.92
N GLU A 304 -14.84 19.79 4.72
CA GLU A 304 -16.04 20.09 3.98
C GLU A 304 -16.75 18.83 3.49
N LYS A 305 -16.01 17.88 2.91
CA LYS A 305 -16.66 16.66 2.43
C LYS A 305 -16.92 15.66 3.56
N GLY A 306 -16.40 15.97 4.76
CA GLY A 306 -16.63 15.15 5.92
C GLY A 306 -15.81 13.90 6.18
N TRP A 307 -14.87 13.58 5.31
CA TRP A 307 -14.06 12.39 5.52
C TRP A 307 -12.69 12.55 4.91
N ALA A 308 -11.77 11.69 5.31
CA ALA A 308 -10.42 11.73 4.78
C ALA A 308 -9.72 10.40 5.04
N GLY A 309 -9.09 9.88 4.00
CA GLY A 309 -8.37 8.63 4.13
C GLY A 309 -9.05 7.43 3.48
N LEU A 310 -8.25 6.64 2.78
CA LEU A 310 -8.71 5.43 2.14
C LEU A 310 -7.69 4.36 2.44
N GLN A 311 -8.06 3.12 2.16
CA GLN A 311 -7.16 2.00 2.30
C GLN A 311 -7.00 1.51 0.87
N SER A 312 -5.81 1.05 0.52
CA SER A 312 -5.61 0.51 -0.83
C SER A 312 -6.39 -0.79 -0.85
N PHE A 313 -6.68 -1.32 -2.03
CA PHE A 313 -7.39 -2.58 -2.06
C PHE A 313 -6.39 -3.63 -1.59
N PRO A 314 -6.80 -4.51 -0.69
CA PRO A 314 -5.84 -5.52 -0.22
C PRO A 314 -5.20 -6.32 -1.35
N ARG A 315 -3.87 -6.43 -1.32
CA ARG A 315 -3.20 -7.19 -2.36
C ARG A 315 -2.28 -8.31 -1.89
N ALA A 316 -2.19 -9.36 -2.72
CA ALA A 316 -1.35 -10.50 -2.43
C ALA A 316 0.09 -10.05 -2.66
N LEU A 317 0.97 -10.53 -1.81
CA LEU A 317 2.36 -10.15 -1.87
C LEU A 317 3.26 -11.37 -1.94
N TRP A 318 4.19 -11.38 -2.89
CA TRP A 318 5.12 -12.50 -3.00
C TRP A 318 6.41 -12.03 -3.67
N ILE A 319 7.45 -12.85 -3.62
CA ILE A 319 8.73 -12.47 -4.22
C ILE A 319 8.81 -12.92 -5.66
N ASP A 320 9.41 -12.09 -6.51
CA ASP A 320 9.56 -12.39 -7.92
C ASP A 320 10.45 -13.59 -8.17
N ARG A 321 10.25 -14.25 -9.30
CA ARG A 321 11.06 -15.43 -9.63
C ARG A 321 12.56 -15.11 -9.55
N ASN A 322 12.95 -13.87 -9.83
CA ASN A 322 14.36 -13.48 -9.78
C ASN A 322 14.88 -13.17 -8.38
N GLY A 323 13.98 -13.17 -7.40
CA GLY A 323 14.37 -12.91 -6.02
C GLY A 323 14.91 -11.52 -5.68
N LYS A 324 14.80 -10.58 -6.61
CA LYS A 324 15.32 -9.23 -6.37
C LYS A 324 14.29 -8.17 -5.95
N GLN A 325 13.01 -8.52 -6.06
CA GLN A 325 11.95 -7.59 -5.66
C GLN A 325 10.65 -8.32 -5.34
N LEU A 326 9.71 -7.58 -4.77
CA LEU A 326 8.40 -8.10 -4.40
C LEU A 326 7.37 -7.83 -5.50
N ILE A 327 6.35 -8.66 -5.55
CA ILE A 327 5.29 -8.50 -6.53
C ILE A 327 3.96 -8.32 -5.79
N GLN A 328 3.10 -7.45 -6.31
CA GLN A 328 1.80 -7.21 -5.70
C GLN A 328 0.68 -7.36 -6.72
N TRP A 329 -0.46 -7.85 -6.26
CA TRP A 329 -1.60 -8.04 -7.14
C TRP A 329 -2.85 -8.06 -6.28
N PRO A 330 -3.91 -7.35 -6.71
CA PRO A 330 -5.12 -7.37 -5.89
C PRO A 330 -5.67 -8.78 -5.70
N VAL A 331 -6.07 -9.08 -4.45
CA VAL A 331 -6.60 -10.41 -4.12
C VAL A 331 -7.73 -10.80 -5.07
N GLU A 332 -7.70 -12.08 -5.47
CA GLU A 332 -8.67 -12.60 -6.43
C GLU A 332 -10.14 -12.31 -6.14
N GLU A 333 -10.49 -12.18 -4.87
CA GLU A 333 -11.87 -11.90 -4.50
C GLU A 333 -12.45 -10.67 -5.18
N ILE A 334 -11.59 -9.73 -5.59
CA ILE A 334 -12.07 -8.53 -6.24
C ILE A 334 -12.73 -8.86 -7.58
N GLU A 335 -12.30 -9.96 -8.19
CA GLU A 335 -12.84 -10.35 -9.48
C GLU A 335 -14.34 -10.61 -9.46
N GLU A 336 -14.88 -10.92 -8.28
CA GLU A 336 -16.32 -11.17 -8.16
C GLU A 336 -17.15 -9.91 -8.31
N LEU A 337 -16.49 -8.76 -8.34
CA LEU A 337 -17.20 -7.49 -8.49
C LEU A 337 -17.36 -7.15 -9.97
N ARG A 338 -16.62 -7.84 -10.82
CA ARG A 338 -16.68 -7.60 -12.26
C ARG A 338 -18.07 -7.87 -12.82
N GLN A 339 -18.58 -6.92 -13.60
CA GLN A 339 -19.89 -7.04 -14.22
C GLN A 339 -19.73 -7.31 -15.71
N ASN A 340 -20.20 -6.38 -16.55
CA ASN A 340 -20.08 -6.53 -17.98
C ASN A 340 -18.64 -6.26 -18.40
N GLN A 341 -18.22 -6.82 -19.52
CA GLN A 341 -16.86 -6.65 -19.99
C GLN A 341 -16.80 -6.11 -21.41
N VAL A 342 -15.80 -5.25 -21.66
CA VAL A 342 -15.57 -4.70 -22.98
C VAL A 342 -14.14 -5.08 -23.30
N ASN A 343 -13.93 -5.70 -24.45
CA ASN A 343 -12.61 -6.17 -24.84
C ASN A 343 -12.12 -5.61 -26.17
N LEU A 344 -10.80 -5.58 -26.35
CA LEU A 344 -10.19 -5.10 -27.60
C LEU A 344 -8.99 -5.96 -27.91
N GLN A 345 -8.76 -6.26 -29.17
CA GLN A 345 -7.60 -7.06 -29.55
C GLN A 345 -7.01 -6.65 -30.88
N ASN A 346 -5.70 -6.83 -31.01
CA ASN A 346 -5.00 -6.52 -32.24
C ASN A 346 -5.41 -5.15 -32.80
N LYS A 347 -5.33 -4.13 -31.96
CA LYS A 347 -5.69 -2.77 -32.35
C LYS A 347 -4.48 -1.83 -32.37
N ASN A 348 -4.23 -1.20 -33.51
CA ASN A 348 -3.11 -0.29 -33.63
C ASN A 348 -3.46 1.10 -33.13
N LEU A 349 -2.52 1.69 -32.40
CA LEU A 349 -2.69 3.04 -31.88
C LEU A 349 -1.69 3.90 -32.61
N LYS A 350 -2.15 4.60 -33.64
CA LYS A 350 -1.27 5.45 -34.41
C LYS A 350 -0.81 6.64 -33.57
N PRO A 351 0.35 7.21 -33.93
CA PRO A 351 0.90 8.35 -33.21
C PRO A 351 -0.10 9.46 -32.92
N GLY A 352 -0.08 9.96 -31.69
CA GLY A 352 -0.97 11.03 -31.28
C GLY A 352 -2.45 10.70 -31.32
N SER A 353 -2.80 9.43 -31.21
CA SER A 353 -4.21 9.05 -31.24
C SER A 353 -4.78 8.83 -29.85
N VAL A 354 -6.10 8.87 -29.77
CA VAL A 354 -6.85 8.66 -28.53
C VAL A 354 -8.09 7.82 -28.83
N LEU A 355 -8.16 6.64 -28.23
CA LEU A 355 -9.27 5.72 -28.44
C LEU A 355 -10.16 5.61 -27.22
N GLU A 356 -11.45 5.91 -27.37
CA GLU A 356 -12.36 5.82 -26.24
C GLU A 356 -12.95 4.43 -26.05
N ILE A 357 -13.01 4.00 -24.78
CA ILE A 357 -13.59 2.70 -24.42
C ILE A 357 -15.04 2.97 -24.05
N HIS A 358 -15.95 2.35 -24.79
CA HIS A 358 -17.37 2.55 -24.53
C HIS A 358 -18.06 1.41 -23.79
N GLY A 359 -19.14 1.74 -23.08
CA GLY A 359 -19.91 0.75 -22.36
C GLY A 359 -19.40 0.30 -20.99
N ILE A 360 -18.54 1.09 -20.39
CA ILE A 360 -17.97 0.77 -19.08
C ILE A 360 -18.24 1.87 -18.06
N ALA A 361 -18.47 1.51 -16.80
CA ALA A 361 -18.68 2.53 -15.77
C ALA A 361 -17.28 3.10 -15.53
N ALA A 362 -16.93 4.14 -16.27
CA ALA A 362 -15.60 4.74 -16.18
C ALA A 362 -15.07 5.19 -14.82
N SER A 363 -15.95 5.41 -13.84
CA SER A 363 -15.51 5.84 -12.51
C SER A 363 -15.27 4.68 -11.56
N GLN A 364 -15.70 3.48 -11.96
CA GLN A 364 -15.57 2.32 -11.11
C GLN A 364 -15.35 1.09 -11.98
N ALA A 365 -14.11 0.87 -12.40
CA ALA A 365 -13.78 -0.24 -13.27
C ALA A 365 -12.40 -0.86 -13.02
N ASP A 366 -12.22 -2.03 -13.61
CA ASP A 366 -10.97 -2.78 -13.52
C ASP A 366 -10.54 -2.89 -14.99
N VAL A 367 -9.46 -2.19 -15.33
CA VAL A 367 -8.98 -2.18 -16.72
C VAL A 367 -7.60 -2.79 -16.88
N THR A 368 -7.50 -3.73 -17.81
CA THR A 368 -6.25 -4.41 -18.10
C THR A 368 -5.91 -4.23 -19.57
N ILE A 369 -4.65 -3.92 -19.85
CA ILE A 369 -4.23 -3.72 -21.22
C ILE A 369 -2.80 -4.21 -21.42
N SER A 370 -2.50 -4.65 -22.64
CA SER A 370 -1.18 -5.16 -22.95
C SER A 370 -0.71 -4.58 -24.28
N PHE A 371 0.49 -4.00 -24.29
CA PHE A 371 1.04 -3.37 -25.48
C PHE A 371 2.13 -4.19 -26.18
N LYS A 372 2.02 -4.31 -27.51
CA LYS A 372 3.02 -5.02 -28.30
C LYS A 372 3.80 -3.94 -29.03
N LEU A 373 5.09 -3.85 -28.74
CA LEU A 373 5.92 -2.83 -29.37
C LEU A 373 6.63 -3.26 -30.65
N GLU A 374 6.77 -2.30 -31.55
CA GLU A 374 7.44 -2.51 -32.83
C GLU A 374 8.53 -1.46 -33.03
N GLY A 375 9.70 -1.92 -33.47
CA GLY A 375 10.81 -1.02 -33.70
C GLY A 375 11.36 -0.38 -32.44
N LEU A 376 11.83 -1.22 -31.52
CA LEU A 376 12.41 -0.74 -30.27
C LEU A 376 13.63 0.10 -30.58
N LYS A 377 14.38 -0.28 -31.60
CA LYS A 377 15.57 0.43 -31.99
C LYS A 377 15.34 1.94 -32.10
N GLU A 378 14.08 2.34 -32.28
CA GLU A 378 13.76 3.76 -32.40
C GLU A 378 13.67 4.47 -31.06
N ALA A 379 13.75 3.71 -29.98
CA ALA A 379 13.68 4.26 -28.63
C ALA A 379 14.68 5.38 -28.43
N GLU A 380 14.22 6.45 -27.78
CA GLU A 380 15.05 7.59 -27.48
C GLU A 380 16.25 7.14 -26.68
N VAL A 381 17.41 7.70 -26.97
CA VAL A 381 18.61 7.33 -26.23
C VAL A 381 18.67 8.12 -24.94
N LEU A 382 18.69 7.41 -23.82
CA LEU A 382 18.74 8.06 -22.53
C LEU A 382 19.18 7.07 -21.47
N ASP A 383 20.38 7.26 -20.94
CA ASP A 383 20.86 6.39 -19.88
C ASP A 383 20.05 6.76 -18.65
N THR A 384 19.47 5.77 -17.97
CA THR A 384 18.66 6.06 -16.80
C THR A 384 19.24 5.51 -15.49
N THR A 385 20.55 5.27 -15.49
CA THR A 385 21.24 4.75 -14.32
C THR A 385 20.99 5.53 -13.02
N LEU A 386 21.07 6.86 -13.09
CA LEU A 386 20.86 7.70 -11.92
C LEU A 386 19.60 8.55 -12.02
N VAL A 387 18.88 8.42 -13.13
CA VAL A 387 17.68 9.22 -13.32
C VAL A 387 16.60 8.91 -12.29
N ASP A 388 15.93 9.96 -11.83
CA ASP A 388 14.84 9.82 -10.87
C ASP A 388 13.55 9.72 -11.67
N PRO A 389 12.95 8.52 -11.73
CA PRO A 389 11.71 8.31 -12.47
C PRO A 389 10.59 9.28 -12.15
N GLN A 390 10.44 9.66 -10.89
CA GLN A 390 9.36 10.61 -10.59
C GLN A 390 9.64 11.98 -11.19
N ALA A 391 10.90 12.42 -11.10
CA ALA A 391 11.27 13.71 -11.66
C ALA A 391 11.01 13.69 -13.16
N LEU A 392 11.40 12.59 -13.80
CA LEU A 392 11.22 12.43 -15.23
C LEU A 392 9.75 12.48 -15.63
N CYS A 393 8.86 11.84 -14.87
CA CYS A 393 7.44 11.86 -15.20
C CYS A 393 6.86 13.24 -15.01
N ASN A 394 7.35 13.95 -14.00
CA ASN A 394 6.86 15.29 -13.77
C ASN A 394 7.37 16.23 -14.84
N GLU A 395 8.57 15.95 -15.35
CA GLU A 395 9.14 16.78 -16.40
C GLU A 395 8.45 16.49 -17.73
N ARG A 396 8.16 15.22 -18.00
CA ARG A 396 7.53 14.82 -19.26
C ARG A 396 6.19 14.10 -19.06
N GLY A 397 5.11 14.88 -19.04
CA GLY A 397 3.79 14.30 -18.88
C GLY A 397 3.27 13.74 -20.19
N ALA A 398 1.96 13.51 -20.22
CA ALA A 398 1.31 12.95 -21.41
C ALA A 398 1.43 13.85 -22.63
N SER A 399 1.68 15.14 -22.41
CA SER A 399 1.80 16.08 -23.52
C SER A 399 3.20 16.11 -24.09
N SER A 400 4.16 15.52 -23.39
CA SER A 400 5.54 15.48 -23.87
C SER A 400 5.64 14.26 -24.78
N ARG A 401 5.71 14.49 -26.09
CA ARG A 401 5.76 13.39 -27.06
C ARG A 401 7.15 12.81 -27.29
N GLY A 402 7.25 11.49 -27.17
CA GLY A 402 8.52 10.82 -27.40
C GLY A 402 8.43 9.89 -28.61
N ALA A 403 9.35 8.95 -28.71
CA ALA A 403 9.35 7.98 -29.81
C ALA A 403 8.40 6.88 -29.33
N LEU A 404 8.90 6.10 -28.37
CA LEU A 404 8.13 5.04 -27.75
C LEU A 404 7.57 5.62 -26.45
N GLY A 405 6.35 6.14 -26.54
CA GLY A 405 5.71 6.74 -25.37
C GLY A 405 5.49 8.22 -25.63
N PRO A 406 4.56 8.84 -24.90
CA PRO A 406 3.77 8.16 -23.88
C PRO A 406 2.59 7.40 -24.47
N PHE A 407 2.43 6.15 -24.03
CA PHE A 407 1.28 5.36 -24.48
C PHE A 407 0.73 4.66 -23.27
N GLY A 408 -0.60 4.70 -23.13
CA GLY A 408 -1.23 4.06 -22.00
C GLY A 408 -2.70 4.36 -21.85
N LEU A 409 -3.11 4.69 -20.63
CA LEU A 409 -4.50 4.94 -20.32
C LEU A 409 -4.79 6.35 -19.83
N LEU A 410 -6.01 6.80 -20.12
CA LEU A 410 -6.49 8.10 -19.66
C LEU A 410 -7.70 7.75 -18.79
N ALA A 411 -7.54 7.81 -17.47
CA ALA A 411 -8.63 7.47 -16.55
C ALA A 411 -9.22 8.71 -15.90
N MET A 412 -10.42 8.56 -15.32
CA MET A 412 -11.12 9.66 -14.67
C MET A 412 -11.02 10.91 -15.52
N ALA A 413 -11.30 10.75 -16.81
CA ALA A 413 -11.21 11.84 -17.76
C ALA A 413 -12.58 12.39 -18.14
N SER A 414 -12.64 13.67 -18.47
CA SER A 414 -13.89 14.30 -18.89
C SER A 414 -14.01 14.12 -20.39
N LYS A 415 -15.23 14.21 -20.91
CA LYS A 415 -15.47 14.03 -22.34
C LYS A 415 -14.54 14.88 -23.21
N ASP A 416 -14.37 16.14 -22.82
CA ASP A 416 -13.52 17.07 -23.56
C ASP A 416 -12.03 16.91 -23.27
N LEU A 417 -11.71 16.02 -22.33
CA LEU A 417 -10.33 15.77 -21.92
C LEU A 417 -9.70 16.99 -21.24
N LYS A 418 -10.54 17.89 -20.74
CA LYS A 418 -10.06 19.08 -20.05
C LYS A 418 -9.39 18.60 -18.76
N GLU A 419 -9.87 17.48 -18.24
CA GLU A 419 -9.31 16.86 -17.04
C GLU A 419 -9.08 15.39 -17.35
N GLN A 420 -7.93 14.87 -16.93
CA GLN A 420 -7.58 13.48 -17.19
C GLN A 420 -6.43 13.02 -16.32
N SER A 421 -6.34 11.72 -16.11
CA SER A 421 -5.26 11.13 -15.35
C SER A 421 -4.61 10.15 -16.30
N ALA A 422 -3.38 10.41 -16.69
CA ALA A 422 -2.68 9.57 -17.64
C ALA A 422 -1.68 8.59 -17.04
N ILE A 423 -1.97 7.30 -17.17
CA ILE A 423 -1.06 6.28 -16.69
C ILE A 423 -0.46 5.72 -17.99
N PHE A 424 0.84 5.91 -18.18
CA PHE A 424 1.50 5.48 -19.41
C PHE A 424 2.92 4.98 -19.26
N PHE A 425 3.49 4.55 -20.38
CA PHE A 425 4.85 4.03 -20.39
C PHE A 425 5.70 4.79 -21.42
N ARG A 426 7.01 4.69 -21.27
CA ARG A 426 7.98 5.29 -22.20
C ARG A 426 9.07 4.24 -22.27
N VAL A 427 9.71 4.10 -23.43
CA VAL A 427 10.79 3.13 -23.54
C VAL A 427 12.03 3.87 -23.97
N PHE A 428 13.14 3.60 -23.31
CA PHE A 428 14.41 4.26 -23.61
C PHE A 428 15.48 3.19 -23.78
N GLN A 429 16.63 3.63 -24.30
CA GLN A 429 17.77 2.75 -24.46
C GLN A 429 19.03 3.53 -24.14
N ASN A 430 20.03 2.85 -23.60
CA ASN A 430 21.29 3.50 -23.29
C ASN A 430 22.17 3.40 -24.54
N GLN A 431 23.38 3.94 -24.46
CA GLN A 431 24.28 3.92 -25.61
C GLN A 431 24.57 2.50 -26.09
N LEU A 432 24.69 1.55 -25.16
CA LEU A 432 24.97 0.16 -25.53
C LEU A 432 23.77 -0.57 -26.11
N GLY A 433 22.66 0.13 -26.27
CA GLY A 433 21.48 -0.50 -26.83
C GLY A 433 20.57 -1.22 -25.85
N ARG A 434 20.87 -1.12 -24.56
CA ARG A 434 20.04 -1.76 -23.53
C ARG A 434 18.78 -0.93 -23.30
N TYR A 435 17.65 -1.60 -23.20
CA TYR A 435 16.38 -0.90 -23.00
C TYR A 435 15.92 -0.81 -21.56
N SER A 436 15.16 0.22 -21.26
CA SER A 436 14.61 0.41 -19.93
C SER A 436 13.18 0.93 -20.11
N VAL A 437 12.31 0.61 -19.16
CA VAL A 437 10.91 1.01 -19.23
C VAL A 437 10.51 1.91 -18.07
N LEU A 438 9.82 3.00 -18.42
CA LEU A 438 9.36 3.95 -17.42
C LEU A 438 7.84 3.91 -17.34
N MET A 439 7.31 3.89 -16.12
CA MET A 439 5.89 3.88 -15.90
C MET A 439 5.53 5.18 -15.19
N CYS A 440 4.55 5.90 -15.72
CA CYS A 440 4.16 7.17 -15.15
C CYS A 440 2.69 7.30 -14.81
N SER A 441 2.41 8.13 -13.81
CA SER A 441 1.05 8.45 -13.41
C SER A 441 1.05 9.97 -13.44
N ASP A 442 0.70 10.52 -14.61
CA ASP A 442 0.65 11.94 -14.83
C ASP A 442 -0.67 12.47 -14.28
N LEU A 443 -0.59 13.22 -13.19
CA LEU A 443 -1.76 13.78 -12.55
C LEU A 443 -1.85 15.29 -12.74
N SER A 444 -0.88 15.85 -13.47
CA SER A 444 -0.81 17.29 -13.74
C SER A 444 -2.12 17.92 -14.20
N ARG A 445 -2.89 17.17 -14.99
CA ARG A 445 -4.16 17.67 -15.50
C ARG A 445 -5.35 16.87 -14.97
N SER A 446 -5.15 16.19 -13.85
CA SER A 446 -6.20 15.37 -13.26
C SER A 446 -7.38 16.20 -12.78
N THR A 447 -7.15 17.48 -12.54
CA THR A 447 -8.22 18.35 -12.06
C THR A 447 -7.93 19.80 -12.37
N VAL A 448 -8.97 20.60 -12.50
CA VAL A 448 -8.78 22.02 -12.76
C VAL A 448 -8.97 22.76 -11.45
N ARG A 449 -9.22 22.01 -10.38
CA ARG A 449 -9.42 22.58 -9.06
C ARG A 449 -8.12 23.12 -8.47
N SER A 450 -8.25 24.05 -7.52
CA SER A 450 -7.08 24.62 -6.87
C SER A 450 -6.87 23.96 -5.53
N ASN A 451 -5.66 24.10 -4.99
CA ASN A 451 -5.32 23.53 -3.69
C ASN A 451 -5.39 22.00 -3.68
N ILE A 452 -5.06 21.39 -4.82
CA ILE A 452 -5.06 19.95 -4.95
C ILE A 452 -3.63 19.54 -5.32
N ASP A 453 -3.04 18.64 -4.54
CA ASP A 453 -1.69 18.18 -4.84
C ASP A 453 -1.77 17.32 -6.08
N THR A 454 -1.31 17.84 -7.21
CA THR A 454 -1.36 17.11 -8.45
C THR A 454 0.01 16.61 -8.92
N THR A 455 0.90 16.38 -7.97
CA THR A 455 2.23 15.88 -8.26
C THR A 455 2.10 14.52 -8.97
N SER A 456 2.94 14.29 -9.97
CA SER A 456 2.90 13.02 -10.69
C SER A 456 3.86 12.02 -10.06
N TYR A 457 3.62 10.73 -10.31
CA TYR A 457 4.45 9.67 -9.76
C TYR A 457 4.98 8.80 -10.88
N GLY A 458 6.16 8.24 -10.70
CA GLY A 458 6.74 7.40 -11.72
C GLY A 458 7.75 6.42 -11.16
N ALA A 459 8.10 5.41 -11.96
CA ALA A 459 9.07 4.40 -11.54
C ALA A 459 9.48 3.57 -12.74
N PHE A 460 10.66 2.96 -12.66
CA PHE A 460 11.14 2.11 -13.75
C PHE A 460 10.63 0.69 -13.56
N VAL A 461 10.26 0.06 -14.67
CA VAL A 461 9.74 -1.30 -14.64
C VAL A 461 10.83 -2.26 -15.06
N ASP A 462 11.07 -3.27 -14.25
CA ASP A 462 12.11 -4.23 -14.55
C ASP A 462 11.65 -5.36 -15.47
N ILE A 463 11.57 -5.05 -16.76
CA ILE A 463 11.17 -6.02 -17.78
C ILE A 463 11.97 -5.79 -19.06
N ASP A 464 12.09 -6.83 -19.89
CA ASP A 464 12.82 -6.73 -21.15
C ASP A 464 11.82 -6.58 -22.30
N PRO A 465 11.64 -5.35 -22.80
CA PRO A 465 10.72 -5.00 -23.89
C PRO A 465 10.90 -5.86 -25.14
N ARG A 466 12.07 -6.46 -25.27
CA ARG A 466 12.36 -7.29 -26.42
C ARG A 466 11.59 -8.60 -26.41
N SER A 467 11.51 -9.23 -25.24
CA SER A 467 10.85 -10.53 -25.13
C SER A 467 9.49 -10.56 -24.46
N GLU A 468 9.07 -9.46 -23.84
CA GLU A 468 7.77 -9.45 -23.19
C GLU A 468 7.00 -8.15 -23.38
N GLU A 469 5.71 -8.26 -23.65
CA GLU A 469 4.85 -7.11 -23.85
C GLU A 469 4.68 -6.35 -22.55
N ILE A 470 4.47 -5.04 -22.65
CA ILE A 470 4.29 -4.22 -21.47
C ILE A 470 2.82 -4.25 -21.08
N SER A 471 2.53 -4.78 -19.90
CA SER A 471 1.14 -4.86 -19.45
C SER A 471 0.85 -3.90 -18.31
N LEU A 472 -0.40 -3.45 -18.22
CA LEU A 472 -0.83 -2.50 -17.21
C LEU A 472 -2.26 -2.74 -16.74
N ARG A 473 -2.44 -2.89 -15.43
CA ARG A 473 -3.77 -3.06 -14.87
C ARG A 473 -4.10 -1.82 -14.04
N ASN A 474 -5.35 -1.36 -14.13
CA ASN A 474 -5.78 -0.19 -13.41
C ASN A 474 -7.09 -0.38 -12.66
N LEU A 475 -7.04 -0.12 -11.35
CA LEU A 475 -8.21 -0.20 -10.51
C LEU A 475 -8.71 1.25 -10.42
N ILE A 476 -9.81 1.54 -11.11
CA ILE A 476 -10.37 2.88 -11.10
C ILE A 476 -11.55 2.94 -10.14
N ASP A 477 -11.44 3.76 -9.11
CA ASP A 477 -12.52 3.89 -8.13
C ASP A 477 -12.71 5.33 -7.63
N HIS A 478 -13.26 6.17 -8.50
CA HIS A 478 -13.55 7.57 -8.21
C HIS A 478 -12.36 8.49 -7.87
N SER A 479 -12.01 8.61 -6.60
CA SER A 479 -10.90 9.50 -6.23
C SER A 479 -9.59 8.75 -6.07
N ILE A 480 -9.58 7.47 -6.41
CA ILE A 480 -8.36 6.69 -6.31
C ILE A 480 -8.15 5.82 -7.54
N ILE A 481 -6.89 5.67 -7.94
CA ILE A 481 -6.54 4.84 -9.07
C ILE A 481 -5.30 4.05 -8.66
N GLU A 482 -5.38 2.72 -8.75
CA GLU A 482 -4.24 1.88 -8.43
C GLU A 482 -3.72 1.26 -9.72
N SER A 483 -2.49 1.60 -10.08
CA SER A 483 -1.87 1.11 -11.29
C SER A 483 -0.84 0.02 -11.02
N PHE A 484 -0.98 -1.09 -11.72
CA PHE A 484 -0.08 -2.23 -11.58
C PHE A 484 0.59 -2.48 -12.92
N GLY A 485 1.87 -2.18 -13.00
CA GLY A 485 2.59 -2.39 -14.24
C GLY A 485 3.30 -3.73 -14.24
N ALA A 486 3.35 -4.37 -15.40
CA ALA A 486 4.02 -5.65 -15.56
C ALA A 486 3.61 -6.68 -14.52
N GLY A 487 2.31 -6.94 -14.43
CA GLY A 487 1.81 -7.93 -13.48
C GLY A 487 2.05 -7.66 -12.01
N GLY A 488 2.43 -6.43 -11.65
CA GLY A 488 2.65 -6.13 -10.26
C GLY A 488 4.08 -5.84 -9.87
N LYS A 489 4.95 -5.72 -10.87
CA LYS A 489 6.36 -5.42 -10.60
C LYS A 489 6.51 -3.96 -10.21
N THR A 490 5.61 -3.13 -10.73
CA THR A 490 5.64 -1.69 -10.44
C THR A 490 4.23 -1.20 -10.15
N CYS A 491 4.04 -0.76 -8.91
CA CYS A 491 2.74 -0.28 -8.47
C CYS A 491 2.77 1.20 -8.13
N ILE A 492 1.71 1.91 -8.54
CA ILE A 492 1.60 3.34 -8.26
C ILE A 492 0.15 3.67 -7.94
N THR A 493 -0.08 4.21 -6.74
CA THR A 493 -1.42 4.57 -6.34
C THR A 493 -1.60 6.08 -6.47
N SER A 494 -2.70 6.49 -7.10
CA SER A 494 -2.97 7.91 -7.30
C SER A 494 -4.30 8.36 -6.69
N ARG A 495 -4.31 9.59 -6.19
CA ARG A 495 -5.53 10.17 -5.65
C ARG A 495 -5.81 11.36 -6.57
N ILE A 496 -7.02 11.42 -7.11
CA ILE A 496 -7.40 12.51 -8.01
C ILE A 496 -8.77 13.07 -7.67
N TYR A 497 -8.93 14.37 -7.88
CA TYR A 497 -10.18 15.03 -7.57
C TYR A 497 -10.65 15.91 -8.71
N PRO A 498 -10.95 15.31 -9.87
CA PRO A 498 -11.42 16.12 -10.99
C PRO A 498 -12.73 16.83 -10.62
N LYS A 499 -12.92 18.02 -11.17
CA LYS A 499 -14.11 18.80 -10.87
C LYS A 499 -15.36 18.29 -11.59
N PHE A 500 -15.20 17.83 -12.83
CA PHE A 500 -16.34 17.37 -13.62
C PHE A 500 -17.22 16.31 -12.98
N VAL A 501 -16.66 15.52 -12.06
CA VAL A 501 -17.44 14.45 -11.43
C VAL A 501 -18.72 14.92 -10.76
N ASN A 502 -18.87 16.22 -10.56
CA ASN A 502 -20.08 16.70 -9.93
C ASN A 502 -21.26 16.87 -10.86
N ASN A 503 -21.00 16.81 -12.16
CA ASN A 503 -22.09 16.97 -13.14
C ASN A 503 -22.15 15.85 -14.17
N GLU A 504 -21.13 15.76 -15.01
CA GLU A 504 -21.09 14.75 -16.05
C GLU A 504 -20.37 13.48 -15.62
N GLU A 505 -20.55 12.42 -16.42
CA GLU A 505 -19.92 11.14 -16.13
C GLU A 505 -18.48 11.12 -16.59
N ALA A 506 -17.72 10.18 -16.07
CA ALA A 506 -16.30 10.04 -16.42
C ALA A 506 -16.14 9.23 -17.69
N HIS A 507 -14.97 9.32 -18.30
CA HIS A 507 -14.69 8.59 -19.52
C HIS A 507 -13.38 7.82 -19.38
N LEU A 508 -13.21 6.84 -20.26
CA LEU A 508 -12.03 5.99 -20.26
C LEU A 508 -11.45 5.99 -21.67
N PHE A 509 -10.13 6.17 -21.76
CA PHE A 509 -9.44 6.21 -23.05
C PHE A 509 -8.13 5.45 -23.06
N VAL A 510 -7.70 5.07 -24.25
CA VAL A 510 -6.42 4.41 -24.47
C VAL A 510 -5.74 5.43 -25.37
N PHE A 511 -4.46 5.72 -25.16
CA PHE A 511 -3.82 6.72 -26.00
C PHE A 511 -2.35 6.43 -26.29
N ASN A 512 -1.86 7.08 -27.33
CA ASN A 512 -0.46 6.95 -27.73
C ASN A 512 -0.02 8.31 -28.28
N ASN A 513 0.72 9.06 -27.48
CA ASN A 513 1.19 10.38 -27.91
C ASN A 513 2.64 10.35 -28.37
N GLY A 514 3.14 9.15 -28.66
CA GLY A 514 4.50 9.04 -29.16
C GLY A 514 4.51 9.21 -30.67
N THR A 515 5.69 9.23 -31.27
CA THR A 515 5.79 9.37 -32.72
C THR A 515 5.80 7.99 -33.37
N GLN A 516 6.05 6.97 -32.56
CA GLN A 516 6.07 5.60 -33.02
C GLN A 516 4.73 4.95 -32.76
N ASN A 517 4.40 3.96 -33.58
CA ASN A 517 3.15 3.25 -33.47
C ASN A 517 3.24 2.12 -32.44
N VAL A 518 2.17 1.91 -31.69
CA VAL A 518 2.11 0.80 -30.71
C VAL A 518 0.80 0.07 -30.91
N LYS A 519 0.78 -1.21 -30.55
CA LYS A 519 -0.42 -2.01 -30.71
C LYS A 519 -0.92 -2.59 -29.41
N ILE A 520 -2.24 -2.64 -29.28
CA ILE A 520 -2.87 -3.22 -28.11
C ILE A 520 -3.10 -4.67 -28.50
N SER A 521 -2.32 -5.59 -27.93
CA SER A 521 -2.55 -6.98 -28.27
C SER A 521 -3.90 -7.36 -27.68
N GLU A 522 -4.12 -6.99 -26.42
CA GLU A 522 -5.39 -7.27 -25.79
C GLU A 522 -5.69 -6.27 -24.69
N MET A 523 -6.98 -6.02 -24.49
CA MET A 523 -7.43 -5.09 -23.46
C MET A 523 -8.77 -5.54 -22.90
N SER A 524 -8.85 -5.65 -21.57
CA SER A 524 -10.09 -6.06 -20.91
C SER A 524 -10.50 -5.01 -19.89
N ALA A 525 -11.76 -4.60 -19.95
CA ALA A 525 -12.30 -3.61 -19.02
C ALA A 525 -13.61 -4.13 -18.44
N TRP A 526 -13.73 -4.07 -17.12
CA TRP A 526 -14.94 -4.52 -16.43
C TRP A 526 -15.51 -3.42 -15.57
N SER A 527 -16.83 -3.30 -15.57
CA SER A 527 -17.48 -2.33 -14.70
C SER A 527 -17.45 -3.06 -13.36
N MET A 528 -17.16 -2.35 -12.29
CA MET A 528 -17.09 -2.97 -10.97
C MET A 528 -18.29 -2.59 -10.13
N LYS A 529 -19.05 -3.58 -9.66
CA LYS A 529 -20.20 -3.24 -8.83
C LYS A 529 -19.71 -2.85 -7.45
N ASN A 530 -20.51 -2.08 -6.73
CA ASN A 530 -20.16 -1.64 -5.40
C ASN A 530 -19.93 -2.81 -4.46
N ALA A 531 -19.03 -2.60 -3.50
CA ALA A 531 -18.76 -3.61 -2.48
C ALA A 531 -19.80 -3.29 -1.40
N LYS A 532 -20.26 -4.27 -0.64
CA LYS A 532 -21.24 -4.00 0.40
C LYS A 532 -20.57 -3.57 1.69
N PHE A 533 -21.14 -2.55 2.33
CA PHE A 533 -20.63 -2.03 3.59
C PHE A 533 -21.80 -1.87 4.54
N VAL A 534 -21.97 -2.85 5.41
CA VAL A 534 -23.04 -2.84 6.38
C VAL A 534 -22.57 -2.31 7.72
N VAL A 535 -23.40 -1.51 8.36
CA VAL A 535 -23.06 -0.97 9.67
C VAL A 535 -23.79 -1.71 10.76
N ASP A 536 -23.04 -2.16 11.76
CA ASP A 536 -23.59 -2.89 12.89
C ASP A 536 -22.92 -2.34 14.15
N GLN A 537 -23.18 -1.06 14.42
CA GLN A 537 -22.58 -0.38 15.56
C GLN A 537 -23.56 -0.04 16.68
N SER A 538 -23.25 1.06 17.38
CA SER A 538 -24.05 1.58 18.49
C SER A 538 -24.36 0.48 19.51
#